data_9EG9
#
_entry.id   9EG9
#
_cell.length_a   90.460
_cell.length_b   90.460
_cell.length_c   122.660
_cell.angle_alpha   90.00
_cell.angle_beta   90.00
_cell.angle_gamma   120.00
#
_symmetry.space_group_name_H-M   'P 32 2 1'
#
loop_
_entity.id
_entity.type
_entity.pdbx_description
1 polymer 'Dihydroorotate dehydrogenase (quinone), mitochondrial'
2 non-polymer 'FLAVIN MONONUCLEOTIDE'
3 non-polymer 'OROTIC ACID'
4 non-polymer 'SULFATE ION'
5 non-polymer 'ACETATE ION'
6 non-polymer GLYCEROL
7 non-polymer 2-hydroxy-3-(3-methylbut-2-en-1-yl)naphthalene-1,4-dione
8 water water
#
_entity_poly.entity_id   1
_entity_poly.type   'polypeptide(L)'
_entity_poly.pdbx_seq_one_letter_code
;SMATGDERFYAEHLMPTLQGLLDPESAHRLAVRFTSLGLLPRARFQDSDMLEVRVLGHKFRNPVGIAAGFDKHGEAVDGL
YKMGFGFVEIGSVTPKPQEGNPRPRVFRLPEDQAVINRYGFNSHGLSVVEHRLRARQQKQAKLTEDGLPLGVNLGKNKTS
VDAAEDYAEGVRVLGPLADYLVVNVSSPNTAGLRSLQGKAELRRLLTKVLQERDGLRRVHRPAVLVKIAPDLTSQDKEDI
ASVVKELGIDGLIVTNTTVSRPAGLQGALRSETGGLSGKPLRDLSTQTIREMYALTQGRVPIIGVGGVSSGQDALEKIRA
GASLVQLYTALTFWGPPVVGKVKRELEALLKEQGFGGVTDAIGADHRR
;
_entity_poly.pdbx_strand_id   A
#
# COMPACT_ATOMS: atom_id res chain seq x y z
N THR A 4 -24.68 5.28 -3.34
CA THR A 4 -25.50 4.61 -2.31
C THR A 4 -25.68 5.55 -1.11
N GLY A 5 -26.60 5.19 -0.20
CA GLY A 5 -26.96 5.98 0.99
C GLY A 5 -25.85 6.01 2.02
N ASP A 6 -25.23 4.85 2.28
CA ASP A 6 -24.11 4.71 3.23
C ASP A 6 -22.92 5.57 2.75
N GLU A 7 -22.56 5.49 1.47
CA GLU A 7 -21.43 6.26 0.87
C GLU A 7 -21.65 7.74 1.19
N ARG A 8 -22.84 8.26 0.86
CA ARG A 8 -23.24 9.67 1.09
C ARG A 8 -23.20 10.01 2.59
N PHE A 9 -23.76 9.15 3.43
CA PHE A 9 -23.87 9.37 4.90
C PHE A 9 -22.47 9.49 5.51
N TYR A 10 -21.57 8.55 5.17
CA TYR A 10 -20.18 8.52 5.69
C TYR A 10 -19.42 9.75 5.17
N ALA A 11 -19.45 9.96 3.86
CA ALA A 11 -18.64 10.98 3.15
C ALA A 11 -19.11 12.38 3.56
N GLU A 12 -20.44 12.61 3.63
CA GLU A 12 -21.05 13.95 3.78
C GLU A 12 -21.25 14.32 5.26
N HIS A 13 -21.48 13.35 6.15
CA HIS A 13 -21.94 13.60 7.55
C HIS A 13 -21.00 12.95 8.58
N LEU A 14 -20.92 11.62 8.63
CA LEU A 14 -20.29 10.88 9.76
C LEU A 14 -18.78 11.17 9.83
N MET A 15 -18.06 11.00 8.71
CA MET A 15 -16.58 11.12 8.74
C MET A 15 -16.17 12.57 9.01
N PRO A 16 -16.73 13.59 8.32
CA PRO A 16 -16.37 14.97 8.60
C PRO A 16 -16.67 15.37 10.05
N THR A 17 -17.79 14.85 10.60
CA THR A 17 -18.21 15.11 12.00
C THR A 17 -17.14 14.56 12.94
N LEU A 18 -16.76 13.27 12.79
CA LEU A 18 -15.77 12.61 13.67
C LEU A 18 -14.40 13.28 13.54
N GLN A 19 -14.01 13.65 12.32
CA GLN A 19 -12.72 14.37 12.06
C GLN A 19 -12.72 15.73 12.77
N GLY A 20 -13.89 16.37 12.88
CA GLY A 20 -14.07 17.61 13.67
C GLY A 20 -13.78 17.41 15.15
N LEU A 21 -13.95 16.19 15.65
CA LEU A 21 -13.86 15.87 17.11
C LEU A 21 -12.48 15.32 17.48
N LEU A 22 -11.79 14.63 16.56
CA LEU A 22 -10.60 13.80 16.88
C LEU A 22 -9.40 14.29 16.07
N ASP A 23 -8.25 14.44 16.72
CA ASP A 23 -6.97 14.66 16.01
C ASP A 23 -6.72 13.43 15.14
N PRO A 24 -5.97 13.56 14.03
CA PRO A 24 -5.85 12.48 13.05
C PRO A 24 -5.25 11.18 13.64
N GLU A 25 -4.24 11.26 14.49
CA GLU A 25 -3.64 10.04 15.08
C GLU A 25 -4.65 9.34 15.99
N SER A 26 -5.39 10.08 16.81
CA SER A 26 -6.46 9.50 17.67
C SER A 26 -7.51 8.82 16.80
N ALA A 27 -7.93 9.49 15.71
CA ALA A 27 -8.92 8.96 14.74
C ALA A 27 -8.39 7.65 14.15
N HIS A 28 -7.11 7.63 13.74
CA HIS A 28 -6.45 6.42 13.18
CA HIS A 28 -6.48 6.41 13.17
C HIS A 28 -6.54 5.27 14.19
N ARG A 29 -6.12 5.53 15.42
CA ARG A 29 -6.13 4.51 16.50
C ARG A 29 -7.55 3.95 16.67
N LEU A 30 -8.56 4.84 16.73
N LEU A 30 -8.58 4.81 16.68
CA LEU A 30 -9.99 4.44 16.86
CA LEU A 30 -9.98 4.36 16.90
C LEU A 30 -10.37 3.55 15.68
C LEU A 30 -10.47 3.59 15.66
N ALA A 31 -10.05 3.99 14.46
CA ALA A 31 -10.38 3.30 13.20
C ALA A 31 -9.81 1.87 13.25
N VAL A 32 -8.56 1.72 13.69
CA VAL A 32 -7.91 0.39 13.77
C VAL A 32 -8.67 -0.46 14.81
N ARG A 33 -9.01 0.13 15.96
CA ARG A 33 -9.71 -0.62 17.05
C ARG A 33 -11.09 -1.06 16.56
N PHE A 34 -11.87 -0.16 15.96
CA PHE A 34 -13.22 -0.48 15.43
C PHE A 34 -13.12 -1.58 14.38
N THR A 35 -12.16 -1.47 13.46
CA THR A 35 -12.00 -2.44 12.35
C THR A 35 -11.68 -3.81 12.95
N SER A 36 -10.72 -3.84 13.89
N SER A 36 -10.74 -3.83 13.91
CA SER A 36 -10.24 -5.09 14.56
CA SER A 36 -10.23 -5.06 14.58
C SER A 36 -11.42 -5.81 15.23
C SER A 36 -11.34 -5.79 15.36
N LEU A 37 -12.33 -5.05 15.85
CA LEU A 37 -13.48 -5.62 16.62
C LEU A 37 -14.62 -6.00 15.66
N GLY A 38 -14.47 -5.76 14.36
CA GLY A 38 -15.53 -6.00 13.36
C GLY A 38 -16.72 -5.07 13.55
N LEU A 39 -16.55 -3.97 14.29
CA LEU A 39 -17.60 -2.93 14.50
C LEU A 39 -17.75 -2.10 13.22
N LEU A 40 -18.17 -2.77 12.16
CA LEU A 40 -18.51 -2.24 10.82
C LEU A 40 -19.39 -3.29 10.16
N PRO A 41 -20.55 -2.91 9.56
CA PRO A 41 -21.32 -3.89 8.80
C PRO A 41 -20.44 -4.55 7.72
N ARG A 42 -20.57 -5.87 7.54
CA ARG A 42 -19.91 -6.62 6.43
C ARG A 42 -20.29 -5.97 5.10
N ALA A 43 -19.31 -5.73 4.23
CA ALA A 43 -19.49 -5.05 2.91
C ALA A 43 -20.55 -5.80 2.08
N ARG A 44 -21.47 -5.06 1.46
CA ARG A 44 -22.61 -5.60 0.68
C ARG A 44 -22.15 -6.05 -0.70
N PHE A 45 -21.25 -5.29 -1.34
CA PHE A 45 -20.74 -5.55 -2.72
C PHE A 45 -20.18 -6.98 -2.80
N GLN A 46 -20.77 -7.80 -3.68
CA GLN A 46 -20.30 -9.18 -3.99
C GLN A 46 -19.36 -9.10 -5.20
N ASP A 47 -18.12 -9.58 -5.06
CA ASP A 47 -17.07 -9.41 -6.09
C ASP A 47 -17.45 -10.22 -7.34
N SER A 48 -17.50 -9.54 -8.48
CA SER A 48 -17.66 -10.10 -9.85
C SER A 48 -16.41 -10.90 -10.25
N ASP A 49 -16.57 -11.93 -11.08
CA ASP A 49 -15.45 -12.66 -11.72
C ASP A 49 -14.57 -11.68 -12.52
N MET A 50 -15.12 -10.57 -13.02
CA MET A 50 -14.41 -9.54 -13.82
C MET A 50 -13.27 -8.92 -13.00
N LEU A 51 -13.38 -8.95 -11.67
CA LEU A 51 -12.41 -8.24 -10.80
C LEU A 51 -11.27 -9.17 -10.37
N GLU A 52 -11.32 -10.46 -10.69
CA GLU A 52 -10.29 -11.42 -10.24
C GLU A 52 -8.98 -11.19 -10.99
N VAL A 53 -7.86 -11.23 -10.28
CA VAL A 53 -6.50 -11.09 -10.86
C VAL A 53 -5.65 -12.25 -10.34
N ARG A 54 -4.91 -12.89 -11.23
CA ARG A 54 -3.89 -13.91 -10.85
C ARG A 54 -2.52 -13.31 -11.10
N VAL A 55 -1.79 -13.04 -10.03
CA VAL A 55 -0.44 -12.41 -10.08
C VAL A 55 0.32 -12.77 -8.80
N LEU A 56 1.65 -12.73 -8.84
CA LEU A 56 2.52 -12.96 -7.65
C LEU A 56 2.26 -14.36 -7.08
N GLY A 57 1.83 -15.30 -7.91
CA GLY A 57 1.60 -16.71 -7.51
C GLY A 57 0.31 -16.88 -6.76
N HIS A 58 -0.59 -15.90 -6.79
CA HIS A 58 -1.85 -15.94 -6.01
C HIS A 58 -3.05 -15.45 -6.81
N LYS A 59 -4.23 -15.83 -6.33
CA LYS A 59 -5.53 -15.34 -6.80
C LYS A 59 -5.92 -14.17 -5.91
N PHE A 60 -6.33 -13.07 -6.52
CA PHE A 60 -6.90 -11.89 -5.81
C PHE A 60 -8.35 -11.75 -6.25
N ARG A 61 -9.31 -11.92 -5.33
CA ARG A 61 -10.76 -11.90 -5.64
C ARG A 61 -11.14 -10.54 -6.24
N ASN A 62 -10.50 -9.47 -5.77
CA ASN A 62 -10.65 -8.13 -6.37
C ASN A 62 -9.30 -7.44 -6.25
N PRO A 63 -9.03 -6.41 -7.07
CA PRO A 63 -7.70 -5.81 -7.15
C PRO A 63 -7.50 -4.61 -6.22
N VAL A 64 -8.39 -4.42 -5.25
CA VAL A 64 -8.37 -3.21 -4.38
C VAL A 64 -7.87 -3.61 -2.99
N GLY A 65 -6.66 -3.20 -2.65
CA GLY A 65 -6.04 -3.55 -1.35
C GLY A 65 -5.94 -2.36 -0.45
N ILE A 66 -5.76 -2.63 0.84
CA ILE A 66 -5.41 -1.59 1.84
C ILE A 66 -3.89 -1.44 1.85
N ALA A 67 -3.41 -0.23 1.61
CA ALA A 67 -1.98 0.09 1.57
C ALA A 67 -1.36 -0.07 2.95
N ALA A 68 -0.05 -0.27 3.00
CA ALA A 68 0.72 -0.29 4.24
C ALA A 68 0.51 1.01 5.02
N GLY A 69 0.57 0.90 6.34
CA GLY A 69 0.60 2.07 7.22
C GLY A 69 -0.72 2.24 7.95
N PHE A 70 -1.80 1.62 7.48
CA PHE A 70 -3.11 1.68 8.18
C PHE A 70 -3.05 0.68 9.33
N ASP A 71 -2.75 -0.57 9.01
CA ASP A 71 -2.59 -1.64 10.03
C ASP A 71 -1.08 -1.92 10.17
N LYS A 72 -0.36 -1.05 10.88
CA LYS A 72 1.11 -1.16 10.96
C LYS A 72 1.51 -2.44 11.69
N HIS A 73 0.69 -2.90 12.64
CA HIS A 73 1.12 -3.97 13.58
C HIS A 73 0.30 -5.24 13.42
N GLY A 74 -0.49 -5.38 12.36
CA GLY A 74 -1.23 -6.61 12.05
C GLY A 74 -2.35 -6.90 13.04
N GLU A 75 -3.08 -5.86 13.45
CA GLU A 75 -4.15 -5.94 14.47
C GLU A 75 -5.54 -6.04 13.85
N ALA A 76 -5.73 -5.72 12.56
CA ALA A 76 -7.07 -5.49 11.99
C ALA A 76 -7.25 -6.25 10.68
N VAL A 77 -6.46 -7.30 10.45
CA VAL A 77 -6.42 -7.96 9.12
C VAL A 77 -7.81 -8.47 8.77
N ASP A 78 -8.44 -9.22 9.67
CA ASP A 78 -9.75 -9.85 9.39
C ASP A 78 -10.83 -8.77 9.16
N GLY A 79 -10.79 -7.70 9.95
CA GLY A 79 -11.74 -6.57 9.77
C GLY A 79 -11.55 -5.90 8.41
N LEU A 80 -10.32 -5.86 7.91
CA LEU A 80 -10.05 -5.21 6.60
C LEU A 80 -10.58 -6.10 5.48
N TYR A 81 -10.48 -7.43 5.56
CA TYR A 81 -11.14 -8.29 4.56
C TYR A 81 -12.67 -8.09 4.65
N LYS A 82 -13.21 -7.97 5.86
CA LYS A 82 -14.67 -7.77 6.05
C LYS A 82 -15.11 -6.48 5.35
N MET A 83 -14.24 -5.48 5.28
CA MET A 83 -14.51 -4.19 4.62
C MET A 83 -14.58 -4.35 3.09
N GLY A 84 -14.05 -5.44 2.53
CA GLY A 84 -14.17 -5.75 1.10
C GLY A 84 -12.85 -5.61 0.35
N PHE A 85 -11.75 -5.37 1.05
CA PHE A 85 -10.41 -5.34 0.40
C PHE A 85 -10.09 -6.72 -0.16
N GLY A 86 -9.55 -6.79 -1.38
CA GLY A 86 -9.15 -8.04 -2.02
C GLY A 86 -7.84 -8.56 -1.47
N PHE A 87 -7.08 -7.70 -0.81
CA PHE A 87 -5.81 -8.09 -0.16
C PHE A 87 -5.47 -7.04 0.89
N VAL A 88 -4.70 -7.46 1.87
CA VAL A 88 -4.31 -6.62 3.01
C VAL A 88 -2.79 -6.59 3.08
N GLU A 89 -2.22 -5.41 3.24
CA GLU A 89 -0.78 -5.26 3.49
C GLU A 89 -0.61 -4.65 4.88
N ILE A 90 0.10 -5.35 5.76
CA ILE A 90 0.40 -4.78 7.10
C ILE A 90 1.81 -4.21 7.12
N GLY A 91 2.12 -3.43 8.13
CA GLY A 91 3.44 -2.80 8.29
C GLY A 91 3.38 -1.32 7.96
N SER A 92 4.55 -0.69 7.89
CA SER A 92 5.85 -1.33 7.97
C SER A 92 6.17 -1.85 9.38
N VAL A 93 6.83 -3.00 9.44
CA VAL A 93 7.28 -3.62 10.71
C VAL A 93 8.79 -3.49 10.79
N THR A 94 9.32 -3.02 11.92
CA THR A 94 10.78 -2.90 12.14
C THR A 94 11.24 -4.07 12.99
N PRO A 95 12.53 -4.44 12.94
CA PRO A 95 12.99 -5.60 13.73
C PRO A 95 12.70 -5.48 15.22
N LYS A 96 13.16 -4.40 15.85
CA LYS A 96 12.90 -4.11 17.27
C LYS A 96 11.72 -3.15 17.34
N PRO A 97 10.94 -3.19 18.44
CA PRO A 97 9.92 -2.18 18.67
C PRO A 97 10.56 -0.78 18.67
N GLN A 98 9.84 0.21 18.16
CA GLN A 98 10.29 1.61 18.28
C GLN A 98 9.08 2.53 18.23
N GLU A 99 9.22 3.70 18.86
CA GLU A 99 8.09 4.59 19.14
C GLU A 99 7.77 5.46 17.91
N GLY A 100 8.74 5.68 17.03
CA GLY A 100 8.61 6.64 15.92
C GLY A 100 8.79 8.07 16.40
N ASN A 101 8.35 9.03 15.59
CA ASN A 101 8.63 10.48 15.85
C ASN A 101 7.72 11.01 16.95
N PRO A 102 8.10 12.13 17.60
CA PRO A 102 7.23 12.80 18.55
C PRO A 102 5.94 13.30 17.90
N ARG A 103 4.87 13.45 18.71
N ARG A 103 4.86 13.38 18.66
CA ARG A 103 3.48 13.86 18.33
CA ARG A 103 3.64 14.09 18.21
C ARG A 103 3.25 15.35 18.56
C ARG A 103 3.99 15.57 18.18
N PRO A 104 2.51 16.07 17.67
N PRO A 104 3.36 16.36 17.28
CA PRO A 104 1.82 15.50 16.51
CA PRO A 104 2.35 15.84 16.36
C PRO A 104 2.72 15.20 15.28
C PRO A 104 3.00 15.16 15.15
N ARG A 105 2.35 14.15 14.54
CA ARG A 105 3.08 13.55 13.40
C ARG A 105 2.14 13.14 12.27
N VAL A 106 0.87 13.52 12.36
CA VAL A 106 -0.11 13.23 11.27
C VAL A 106 -0.99 14.48 11.13
N PHE A 107 -1.27 14.89 9.91
CA PHE A 107 -1.94 16.18 9.64
C PHE A 107 -2.91 15.98 8.49
N ARG A 108 -4.15 16.45 8.64
CA ARG A 108 -5.15 16.43 7.55
C ARG A 108 -5.06 17.72 6.74
N LEU A 109 -5.21 17.61 5.43
CA LEU A 109 -5.35 18.74 4.50
C LEU A 109 -6.69 18.57 3.81
N PRO A 110 -7.81 18.87 4.52
CA PRO A 110 -9.13 18.55 3.98
C PRO A 110 -9.41 19.23 2.64
N GLU A 111 -8.93 20.46 2.45
CA GLU A 111 -9.18 21.25 1.22
C GLU A 111 -8.48 20.58 0.03
N ASP A 112 -7.53 19.68 0.30
CA ASP A 112 -6.73 18.99 -0.75
C ASP A 112 -7.09 17.49 -0.84
N GLN A 113 -7.97 17.01 0.03
CA GLN A 113 -8.23 15.55 0.17
C GLN A 113 -6.88 14.84 0.32
N ALA A 114 -6.02 15.37 1.19
CA ALA A 114 -4.64 14.88 1.40
C ALA A 114 -4.35 14.73 2.89
N VAL A 115 -3.31 13.96 3.18
CA VAL A 115 -2.73 13.82 4.53
C VAL A 115 -1.23 14.02 4.40
N ILE A 116 -0.61 14.59 5.43
CA ILE A 116 0.86 14.56 5.59
C ILE A 116 1.16 13.77 6.86
N ASN A 117 2.05 12.80 6.78
CA ASN A 117 2.46 12.03 7.98
C ASN A 117 3.98 12.00 8.09
N ARG A 118 4.46 11.99 9.34
CA ARG A 118 5.87 11.74 9.67
C ARG A 118 5.88 10.78 10.86
N TYR A 119 5.16 9.67 10.77
CA TYR A 119 5.12 8.68 11.89
C TYR A 119 6.54 8.23 12.26
N GLY A 120 7.41 7.96 11.28
CA GLY A 120 8.78 7.49 11.53
C GLY A 120 8.81 6.03 11.94
N PHE A 121 7.99 5.19 11.33
CA PHE A 121 7.99 3.71 11.54
CA PHE A 121 8.02 3.71 11.54
C PHE A 121 7.80 3.39 13.03
N ASN A 122 6.75 3.93 13.61
CA ASN A 122 6.25 3.44 14.91
C ASN A 122 5.89 1.97 14.69
N SER A 123 6.46 1.05 15.47
CA SER A 123 6.28 -0.39 15.19
C SER A 123 6.32 -1.18 16.50
N HIS A 124 5.40 -2.11 16.64
CA HIS A 124 5.45 -3.11 17.74
C HIS A 124 6.64 -4.06 17.57
N GLY A 125 7.26 -4.11 16.39
CA GLY A 125 8.43 -4.96 16.15
C GLY A 125 8.08 -6.35 15.65
N LEU A 126 9.07 -7.04 15.12
CA LEU A 126 8.86 -8.34 14.43
C LEU A 126 8.25 -9.38 15.37
N SER A 127 8.75 -9.50 16.60
CA SER A 127 8.32 -10.59 17.51
CA SER A 127 8.32 -10.58 17.53
C SER A 127 6.82 -10.46 17.81
N VAL A 128 6.37 -9.25 18.17
CA VAL A 128 4.93 -9.05 18.48
C VAL A 128 4.10 -9.37 17.23
N VAL A 129 4.49 -8.84 16.07
CA VAL A 129 3.66 -9.06 14.85
C VAL A 129 3.70 -10.55 14.48
N GLU A 130 4.84 -11.21 14.62
CA GLU A 130 4.98 -12.66 14.34
C GLU A 130 3.93 -13.42 15.15
N HIS A 131 3.85 -13.16 16.46
CA HIS A 131 2.90 -13.90 17.33
C HIS A 131 1.46 -13.57 16.94
N ARG A 132 1.19 -12.33 16.57
CA ARG A 132 -0.17 -11.91 16.14
C ARG A 132 -0.56 -12.67 14.87
N LEU A 133 0.33 -12.75 13.88
CA LEU A 133 -0.01 -13.47 12.64
C LEU A 133 -0.06 -14.97 12.90
N ARG A 134 0.80 -15.50 13.77
CA ARG A 134 0.76 -16.96 14.05
C ARG A 134 -0.59 -17.36 14.65
N ALA A 135 -1.23 -16.47 15.40
CA ALA A 135 -2.51 -16.78 16.08
C ALA A 135 -3.61 -17.02 15.05
N ARG A 136 -3.44 -16.57 13.80
CA ARG A 136 -4.46 -16.70 12.73
C ARG A 136 -3.83 -17.26 11.45
N GLN A 137 -2.71 -17.98 11.56
CA GLN A 137 -1.94 -18.42 10.38
C GLN A 137 -2.79 -19.34 9.50
N GLN A 138 -3.53 -20.29 10.07
CA GLN A 138 -4.31 -21.24 9.23
C GLN A 138 -5.57 -20.55 8.71
N LYS A 139 -6.16 -19.65 9.47
CA LYS A 139 -7.27 -18.80 8.97
C LYS A 139 -6.77 -18.04 7.73
N GLN A 140 -5.56 -17.46 7.80
CA GLN A 140 -5.01 -16.73 6.62
C GLN A 140 -4.77 -17.71 5.47
N ALA A 141 -4.24 -18.91 5.71
CA ALA A 141 -4.02 -19.90 4.63
C ALA A 141 -5.34 -20.12 3.87
N LYS A 142 -6.46 -20.23 4.57
CA LYS A 142 -7.78 -20.46 3.93
C LYS A 142 -8.22 -19.20 3.17
N LEU A 143 -8.01 -18.02 3.75
CA LEU A 143 -8.36 -16.73 3.08
C LEU A 143 -7.56 -16.60 1.79
N THR A 144 -6.27 -16.86 1.84
CA THR A 144 -5.38 -16.79 0.66
C THR A 144 -5.88 -17.76 -0.41
N GLU A 145 -6.21 -19.01 -0.03
CA GLU A 145 -6.72 -20.01 -1.00
C GLU A 145 -8.03 -19.50 -1.62
N ASP A 146 -8.82 -18.75 -0.86
CA ASP A 146 -10.12 -18.18 -1.28
CA ASP A 146 -10.12 -18.18 -1.30
C ASP A 146 -9.93 -16.84 -2.01
N GLY A 147 -8.68 -16.45 -2.30
CA GLY A 147 -8.39 -15.25 -3.12
C GLY A 147 -8.24 -13.98 -2.31
N LEU A 148 -7.85 -14.07 -1.04
CA LEU A 148 -7.66 -12.88 -0.16
C LEU A 148 -6.26 -12.93 0.46
N PRO A 149 -5.21 -12.61 -0.33
CA PRO A 149 -3.84 -12.72 0.16
C PRO A 149 -3.43 -11.63 1.15
N LEU A 150 -2.34 -11.91 1.84
CA LEU A 150 -1.73 -11.07 2.88
C LEU A 150 -0.32 -10.66 2.47
N GLY A 151 -0.06 -9.35 2.49
CA GLY A 151 1.29 -8.79 2.30
C GLY A 151 1.85 -8.28 3.62
N VAL A 152 3.15 -8.35 3.78
CA VAL A 152 3.85 -7.83 4.96
C VAL A 152 4.95 -6.88 4.49
N ASN A 153 4.90 -5.65 4.97
CA ASN A 153 5.83 -4.59 4.59
C ASN A 153 6.89 -4.44 5.68
N LEU A 154 8.16 -4.57 5.29
CA LEU A 154 9.31 -4.59 6.21
C LEU A 154 10.00 -3.22 6.20
N GLY A 155 10.28 -2.70 7.38
CA GLY A 155 11.10 -1.49 7.58
C GLY A 155 12.38 -1.77 8.31
N LYS A 156 13.08 -0.70 8.65
CA LYS A 156 14.36 -0.80 9.39
C LYS A 156 14.28 0.12 10.60
N ASN A 157 14.95 -0.27 11.68
CA ASN A 157 15.01 0.56 12.91
C ASN A 157 15.81 1.83 12.62
N LYS A 158 15.45 2.89 13.33
CA LYS A 158 16.10 4.22 13.22
C LYS A 158 17.61 4.11 13.48
N THR A 159 18.03 3.33 14.47
CA THR A 159 19.45 3.31 14.94
C THR A 159 20.22 2.12 14.32
N SER A 160 19.62 1.38 13.39
CA SER A 160 20.25 0.22 12.72
C SER A 160 21.56 0.65 12.02
N VAL A 161 22.61 -0.16 12.19
CA VAL A 161 23.98 0.06 11.61
C VAL A 161 24.11 -0.70 10.28
N ASP A 162 23.11 -1.52 9.91
CA ASP A 162 23.17 -2.45 8.76
C ASP A 162 21.75 -2.65 8.25
N ALA A 163 21.29 -1.79 7.33
CA ALA A 163 19.91 -1.80 6.79
C ALA A 163 19.60 -3.20 6.24
N ALA A 164 20.51 -3.79 5.47
CA ALA A 164 20.28 -5.09 4.80
C ALA A 164 19.99 -6.15 5.87
N GLU A 165 20.66 -6.09 7.03
CA GLU A 165 20.42 -7.10 8.09
C GLU A 165 19.03 -6.87 8.68
N ASP A 166 18.57 -5.64 8.83
CA ASP A 166 17.18 -5.39 9.31
C ASP A 166 16.18 -6.06 8.36
N TYR A 167 16.33 -5.87 7.05
CA TYR A 167 15.37 -6.45 6.08
C TYR A 167 15.49 -7.97 6.10
N ALA A 168 16.73 -8.50 6.16
CA ALA A 168 16.95 -9.96 6.23
C ALA A 168 16.22 -10.54 7.45
N GLU A 169 16.31 -9.88 8.59
CA GLU A 169 15.62 -10.34 9.82
C GLU A 169 14.11 -10.37 9.56
N GLY A 170 13.58 -9.35 8.90
CA GLY A 170 12.14 -9.32 8.57
C GLY A 170 11.75 -10.48 7.67
N VAL A 171 12.57 -10.78 6.66
CA VAL A 171 12.29 -11.91 5.75
C VAL A 171 12.23 -13.20 6.58
N ARG A 172 13.21 -13.39 7.46
CA ARG A 172 13.29 -14.66 8.23
C ARG A 172 12.08 -14.79 9.16
N VAL A 173 11.67 -13.71 9.80
CA VAL A 173 10.64 -13.78 10.87
C VAL A 173 9.23 -13.73 10.27
N LEU A 174 8.96 -12.81 9.35
CA LEU A 174 7.58 -12.67 8.83
C LEU A 174 7.42 -13.25 7.42
N GLY A 175 8.51 -13.50 6.68
CA GLY A 175 8.38 -14.16 5.37
C GLY A 175 7.51 -15.40 5.42
N PRO A 176 7.69 -16.30 6.43
CA PRO A 176 6.91 -17.54 6.47
C PRO A 176 5.41 -17.37 6.73
N LEU A 177 4.98 -16.13 7.04
CA LEU A 177 3.58 -15.80 7.39
C LEU A 177 2.94 -14.95 6.29
N ALA A 178 3.67 -14.67 5.20
CA ALA A 178 3.25 -13.67 4.19
C ALA A 178 3.04 -14.33 2.83
N ASP A 179 2.10 -13.83 2.04
CA ASP A 179 2.01 -14.20 0.61
C ASP A 179 3.02 -13.37 -0.18
N TYR A 180 3.23 -12.12 0.22
CA TYR A 180 4.30 -11.29 -0.38
C TYR A 180 4.90 -10.42 0.71
N LEU A 181 6.17 -10.11 0.53
CA LEU A 181 6.93 -9.18 1.37
C LEU A 181 7.21 -7.94 0.57
N VAL A 182 7.31 -6.82 1.27
CA VAL A 182 7.64 -5.51 0.65
C VAL A 182 8.89 -4.99 1.32
N VAL A 183 9.92 -4.73 0.53
CA VAL A 183 11.13 -4.04 0.98
C VAL A 183 10.82 -2.57 0.78
N ASN A 184 10.48 -1.95 1.89
CA ASN A 184 10.09 -0.54 1.89
C ASN A 184 11.36 0.27 1.99
N VAL A 185 11.89 0.75 0.84
CA VAL A 185 13.07 1.64 0.86
C VAL A 185 12.63 3.07 0.49
N SER A 186 11.37 3.45 0.73
CA SER A 186 10.83 4.73 0.20
C SER A 186 10.08 5.54 1.27
N SER A 187 10.12 5.17 2.56
CA SER A 187 9.61 6.11 3.59
C SER A 187 10.41 7.40 3.55
N PRO A 188 9.73 8.56 3.53
CA PRO A 188 10.44 9.84 3.63
C PRO A 188 10.81 10.23 5.07
N ASN A 189 10.49 9.39 6.05
CA ASN A 189 10.47 9.74 7.50
C ASN A 189 11.53 8.97 8.28
N THR A 190 12.47 8.30 7.60
CA THR A 190 13.66 7.65 8.22
C THR A 190 14.90 8.16 7.49
N ALA A 191 15.80 8.85 8.19
CA ALA A 191 17.03 9.47 7.64
C ALA A 191 17.83 8.41 6.87
N GLY A 192 18.18 8.71 5.61
CA GLY A 192 19.03 7.86 4.77
C GLY A 192 18.29 6.71 4.10
N LEU A 193 17.03 6.44 4.46
CA LEU A 193 16.34 5.21 3.98
C LEU A 193 16.24 5.25 2.45
N ARG A 194 15.85 6.39 1.87
CA ARG A 194 15.55 6.48 0.42
C ARG A 194 16.84 6.33 -0.40
N SER A 195 18.02 6.54 0.20
CA SER A 195 19.34 6.27 -0.42
C SER A 195 19.49 4.79 -0.77
N LEU A 196 18.75 3.89 -0.09
CA LEU A 196 18.77 2.43 -0.39
C LEU A 196 18.14 2.15 -1.76
N GLN A 197 17.48 3.13 -2.37
CA GLN A 197 16.92 3.00 -3.75
C GLN A 197 18.04 3.17 -4.80
N GLY A 198 19.21 3.69 -4.43
CA GLY A 198 20.37 3.82 -5.33
C GLY A 198 20.81 2.48 -5.87
N LYS A 199 21.42 2.44 -7.06
CA LYS A 199 21.69 1.16 -7.78
C LYS A 199 22.55 0.19 -6.95
N ALA A 200 23.72 0.64 -6.46
CA ALA A 200 24.71 -0.20 -5.75
C ALA A 200 24.11 -0.71 -4.43
N GLU A 201 23.54 0.20 -3.63
CA GLU A 201 22.87 -0.10 -2.33
C GLU A 201 21.71 -1.06 -2.56
N LEU A 202 20.90 -0.83 -3.60
CA LEU A 202 19.71 -1.66 -3.88
C LEU A 202 20.16 -3.05 -4.31
N ARG A 203 21.16 -3.18 -5.19
CA ARG A 203 21.55 -4.53 -5.71
C ARG A 203 22.05 -5.37 -4.52
N ARG A 204 22.88 -4.79 -3.67
CA ARG A 204 23.45 -5.50 -2.48
C ARG A 204 22.30 -5.88 -1.54
N LEU A 205 21.44 -4.92 -1.21
CA LEU A 205 20.30 -5.13 -0.28
C LEU A 205 19.39 -6.22 -0.85
N LEU A 206 18.96 -6.08 -2.10
CA LEU A 206 17.94 -7.00 -2.66
C LEU A 206 18.55 -8.40 -2.88
N THR A 207 19.83 -8.51 -3.22
CA THR A 207 20.50 -9.84 -3.32
C THR A 207 20.37 -10.55 -1.97
N LYS A 208 20.67 -9.86 -0.88
CA LYS A 208 20.61 -10.43 0.49
C LYS A 208 19.16 -10.81 0.81
N VAL A 209 18.20 -9.94 0.50
CA VAL A 209 16.77 -10.21 0.78
C VAL A 209 16.33 -11.45 0.02
N LEU A 210 16.66 -11.56 -1.28
CA LEU A 210 16.22 -12.70 -2.10
C LEU A 210 16.89 -13.99 -1.62
N GLN A 211 18.15 -13.92 -1.21
CA GLN A 211 18.85 -15.14 -0.70
C GLN A 211 18.10 -15.62 0.55
N GLU A 212 17.74 -14.69 1.44
CA GLU A 212 17.04 -15.07 2.68
C GLU A 212 15.67 -15.68 2.32
N ARG A 213 14.92 -15.09 1.39
CA ARG A 213 13.60 -15.58 0.98
C ARG A 213 13.76 -16.99 0.38
N ASP A 214 14.76 -17.17 -0.47
CA ASP A 214 14.95 -18.46 -1.17
C ASP A 214 15.28 -19.57 -0.17
N GLY A 215 15.82 -19.21 1.00
CA GLY A 215 16.14 -20.18 2.07
C GLY A 215 14.93 -20.62 2.85
N LEU A 216 13.75 -20.06 2.62
CA LEU A 216 12.52 -20.48 3.36
C LEU A 216 11.94 -21.71 2.67
N ARG A 217 11.32 -22.59 3.45
CA ARG A 217 10.60 -23.76 2.90
C ARG A 217 9.54 -23.33 1.90
N ARG A 218 9.29 -24.15 0.89
CA ARG A 218 8.47 -23.80 -0.30
C ARG A 218 7.11 -23.22 0.12
N VAL A 219 6.36 -23.84 1.03
CA VAL A 219 4.98 -23.35 1.34
C VAL A 219 5.06 -22.06 2.18
N HIS A 220 6.27 -21.66 2.59
CA HIS A 220 6.52 -20.45 3.42
C HIS A 220 7.35 -19.44 2.65
N ARG A 221 7.40 -19.55 1.33
CA ARG A 221 8.31 -18.74 0.49
C ARG A 221 7.51 -17.66 -0.22
N PRO A 222 7.53 -16.40 0.25
CA PRO A 222 6.72 -15.35 -0.34
C PRO A 222 7.35 -14.72 -1.57
N ALA A 223 6.51 -14.06 -2.37
CA ALA A 223 6.96 -13.10 -3.40
C ALA A 223 7.65 -11.93 -2.69
N VAL A 224 8.62 -11.31 -3.36
CA VAL A 224 9.32 -10.11 -2.82
C VAL A 224 9.09 -8.94 -3.78
N LEU A 225 8.56 -7.85 -3.24
CA LEU A 225 8.34 -6.60 -4.00
C LEU A 225 9.17 -5.49 -3.38
N VAL A 226 9.51 -4.51 -4.21
CA VAL A 226 10.19 -3.27 -3.75
C VAL A 226 9.20 -2.12 -3.86
N LYS A 227 9.05 -1.36 -2.78
CA LYS A 227 8.15 -0.18 -2.77
C LYS A 227 8.99 1.08 -2.95
N ILE A 228 8.63 1.86 -3.96
CA ILE A 228 9.47 3.01 -4.38
C ILE A 228 8.72 4.31 -4.17
N ALA A 229 9.53 5.35 -4.08
CA ALA A 229 9.07 6.74 -3.93
C ALA A 229 8.51 7.26 -5.26
N PRO A 230 7.68 8.30 -5.18
CA PRO A 230 7.25 9.06 -6.35
C PRO A 230 8.23 10.17 -6.76
N ASP A 231 9.33 10.32 -6.01
CA ASP A 231 10.24 11.49 -6.08
C ASP A 231 11.58 11.11 -6.72
N LEU A 232 11.61 9.99 -7.43
CA LEU A 232 12.85 9.46 -8.02
C LEU A 232 13.22 10.27 -9.26
N THR A 233 14.52 10.41 -9.51
CA THR A 233 15.03 10.92 -10.80
C THR A 233 14.80 9.85 -11.88
N SER A 234 14.84 10.26 -13.13
CA SER A 234 14.83 9.32 -14.28
C SER A 234 15.96 8.29 -14.10
N GLN A 235 17.15 8.72 -13.66
CA GLN A 235 18.31 7.82 -13.43
C GLN A 235 17.95 6.77 -12.38
N ASP A 236 17.36 7.21 -11.26
CA ASP A 236 16.95 6.30 -10.16
C ASP A 236 15.99 5.24 -10.71
N LYS A 237 15.00 5.67 -11.48
CA LYS A 237 13.97 4.75 -12.02
C LYS A 237 14.62 3.73 -12.97
N GLU A 238 15.47 4.21 -13.86
N GLU A 238 15.51 4.17 -13.86
CA GLU A 238 16.26 3.38 -14.81
CA GLU A 238 16.20 3.27 -14.81
C GLU A 238 17.02 2.31 -14.03
C GLU A 238 17.03 2.26 -14.01
N ASP A 239 17.72 2.72 -12.97
CA ASP A 239 18.59 1.85 -12.13
C ASP A 239 17.72 0.82 -11.42
N ILE A 240 16.59 1.23 -10.84
CA ILE A 240 15.71 0.27 -10.12
C ILE A 240 15.17 -0.76 -11.09
N ALA A 241 14.71 -0.35 -12.27
CA ALA A 241 14.20 -1.27 -13.29
C ALA A 241 15.28 -2.30 -13.65
N SER A 242 16.50 -1.85 -13.86
CA SER A 242 17.63 -2.73 -14.23
C SER A 242 17.89 -3.76 -13.14
N VAL A 243 17.97 -3.32 -11.88
CA VAL A 243 18.26 -4.22 -10.73
C VAL A 243 17.11 -5.21 -10.57
N VAL A 244 15.86 -4.74 -10.66
CA VAL A 244 14.68 -5.61 -10.47
C VAL A 244 14.71 -6.73 -11.52
N LYS A 245 15.03 -6.42 -12.77
CA LYS A 245 15.06 -7.45 -13.84
C LYS A 245 16.27 -8.37 -13.62
N GLU A 246 17.42 -7.81 -13.26
CA GLU A 246 18.70 -8.56 -13.07
C GLU A 246 18.52 -9.63 -11.98
N LEU A 247 17.83 -9.27 -10.89
CA LEU A 247 17.73 -10.16 -9.70
C LEU A 247 16.45 -11.01 -9.73
N GLY A 248 15.49 -10.74 -10.61
CA GLY A 248 14.20 -11.46 -10.61
C GLY A 248 13.34 -11.09 -9.41
N ILE A 249 13.36 -9.82 -9.00
CA ILE A 249 12.38 -9.28 -8.02
C ILE A 249 10.97 -9.53 -8.57
N ASP A 250 10.03 -9.91 -7.72
CA ASP A 250 8.71 -10.41 -8.16
C ASP A 250 7.77 -9.26 -8.52
N GLY A 251 8.00 -8.06 -7.99
CA GLY A 251 7.07 -6.96 -8.29
C GLY A 251 7.53 -5.66 -7.67
N LEU A 252 6.81 -4.60 -8.02
CA LEU A 252 7.02 -3.23 -7.51
C LEU A 252 5.73 -2.72 -6.90
N ILE A 253 5.86 -1.93 -5.84
CA ILE A 253 4.74 -1.13 -5.29
C ILE A 253 5.07 0.33 -5.59
N VAL A 254 4.15 0.99 -6.28
CA VAL A 254 4.40 2.31 -6.91
C VAL A 254 3.15 3.13 -6.63
N THR A 255 3.15 4.07 -5.66
CA THR A 255 4.28 4.62 -4.94
C THR A 255 3.96 4.82 -3.45
N ASN A 256 5.02 5.12 -2.72
CA ASN A 256 4.93 5.68 -1.34
C ASN A 256 4.46 7.14 -1.44
N THR A 257 4.44 7.82 -0.30
CA THR A 257 4.09 9.25 -0.21
C THR A 257 5.20 10.10 -0.84
N THR A 258 4.84 11.35 -1.14
CA THR A 258 5.78 12.32 -1.77
C THR A 258 6.30 13.35 -0.76
N VAL A 259 7.58 13.65 -0.86
CA VAL A 259 8.19 14.78 -0.11
C VAL A 259 8.03 16.07 -0.90
N SER A 260 7.50 16.00 -2.12
CA SER A 260 7.19 17.21 -2.89
C SER A 260 5.94 17.87 -2.31
N ARG A 261 5.73 19.13 -2.66
CA ARG A 261 4.51 19.85 -2.29
C ARG A 261 4.00 20.49 -3.58
N PRO A 262 3.19 19.75 -4.35
CA PRO A 262 2.70 20.25 -5.62
C PRO A 262 2.12 21.65 -5.46
N ALA A 263 2.36 22.49 -6.45
CA ALA A 263 1.70 23.80 -6.53
C ALA A 263 0.19 23.57 -6.37
N GLY A 264 -0.47 24.46 -5.63
CA GLY A 264 -1.94 24.46 -5.52
C GLY A 264 -2.46 23.92 -4.20
N LEU A 265 -1.62 23.28 -3.38
CA LEU A 265 -2.11 22.83 -2.05
C LEU A 265 -2.70 24.01 -1.29
N GLN A 266 -3.85 23.80 -0.69
CA GLN A 266 -4.59 24.85 0.06
C GLN A 266 -4.53 24.60 1.57
N GLY A 267 -4.35 23.36 2.03
CA GLY A 267 -4.43 23.09 3.47
C GLY A 267 -3.48 23.98 4.25
N ALA A 268 -3.93 24.44 5.42
CA ALA A 268 -3.10 25.28 6.31
C ALA A 268 -1.82 24.53 6.67
N LEU A 269 -1.86 23.20 6.71
CA LEU A 269 -0.74 22.37 7.21
C LEU A 269 0.16 21.86 6.06
N ARG A 270 0.05 22.45 4.87
CA ARG A 270 0.79 21.98 3.67
C ARG A 270 2.30 21.98 3.87
N SER A 271 2.85 22.83 4.75
CA SER A 271 4.31 22.96 4.92
C SER A 271 4.82 22.16 6.12
N GLU A 272 3.99 21.31 6.71
CA GLU A 272 4.46 20.29 7.67
C GLU A 272 5.43 19.34 6.98
N THR A 273 6.50 18.95 7.67
CA THR A 273 7.43 17.90 7.22
C THR A 273 6.70 16.55 7.18
N GLY A 274 6.94 15.80 6.10
CA GLY A 274 6.50 14.40 6.01
C GLY A 274 6.09 14.03 4.61
N GLY A 275 5.50 12.84 4.49
CA GLY A 275 5.01 12.33 3.22
C GLY A 275 3.59 12.76 2.98
N LEU A 276 3.35 13.31 1.79
CA LEU A 276 2.00 13.72 1.34
CA LEU A 276 2.00 13.73 1.32
C LEU A 276 1.34 12.57 0.58
N SER A 277 0.09 12.29 0.93
CA SER A 277 -0.75 11.24 0.33
C SER A 277 -2.07 11.83 -0.17
N GLY A 278 -2.88 11.03 -0.85
CA GLY A 278 -4.20 11.45 -1.30
C GLY A 278 -4.17 12.10 -2.67
N LYS A 279 -5.15 12.93 -2.93
CA LYS A 279 -5.44 13.41 -4.33
CA LYS A 279 -5.42 13.37 -4.33
C LYS A 279 -4.21 14.08 -4.94
N PRO A 280 -3.42 14.92 -4.22
CA PRO A 280 -2.31 15.60 -4.87
C PRO A 280 -1.18 14.68 -5.33
N LEU A 281 -1.15 13.45 -4.80
CA LEU A 281 -0.17 12.43 -5.19
C LEU A 281 -0.66 11.62 -6.40
N ARG A 282 -1.96 11.63 -6.68
CA ARG A 282 -2.57 10.61 -7.56
C ARG A 282 -1.81 10.51 -8.89
N ASP A 283 -1.71 11.60 -9.63
CA ASP A 283 -1.20 11.51 -11.02
C ASP A 283 0.32 11.37 -11.04
N LEU A 284 1.03 11.88 -10.03
N LEU A 284 1.03 11.89 -10.04
CA LEU A 284 2.48 11.63 -9.87
CA LEU A 284 2.48 11.61 -9.88
C LEU A 284 2.70 10.12 -9.73
C LEU A 284 2.69 10.11 -9.74
N SER A 285 1.86 9.45 -8.96
CA SER A 285 1.91 7.97 -8.78
CA SER A 285 1.94 7.97 -8.78
CA SER A 285 1.93 7.98 -8.78
C SER A 285 1.57 7.26 -10.09
N THR A 286 0.48 7.66 -10.74
CA THR A 286 0.08 7.00 -12.01
C THR A 286 1.23 7.11 -13.01
N GLN A 287 1.86 8.27 -13.13
CA GLN A 287 2.96 8.49 -14.10
CA GLN A 287 2.94 8.45 -14.12
C GLN A 287 4.15 7.62 -13.73
N THR A 288 4.41 7.42 -12.44
CA THR A 288 5.53 6.56 -12.00
C THR A 288 5.22 5.10 -12.37
N ILE A 289 3.99 4.66 -12.20
CA ILE A 289 3.57 3.30 -12.64
C ILE A 289 3.84 3.17 -14.14
N ARG A 290 3.40 4.16 -14.90
CA ARG A 290 3.52 4.14 -16.37
C ARG A 290 4.98 3.95 -16.76
N GLU A 291 5.88 4.71 -16.15
CA GLU A 291 7.33 4.68 -16.45
CA GLU A 291 7.32 4.67 -16.49
C GLU A 291 7.91 3.32 -16.03
N MET A 292 7.58 2.85 -14.83
CA MET A 292 8.18 1.58 -14.36
C MET A 292 7.66 0.40 -15.20
N TYR A 293 6.41 0.41 -15.63
CA TYR A 293 5.87 -0.64 -16.52
C TYR A 293 6.69 -0.67 -17.80
N ALA A 294 6.90 0.48 -18.42
CA ALA A 294 7.65 0.55 -19.69
C ALA A 294 9.08 0.09 -19.46
N LEU A 295 9.75 0.55 -18.41
CA LEU A 295 11.17 0.20 -18.17
C LEU A 295 11.34 -1.30 -17.88
N THR A 296 10.29 -1.99 -17.43
CA THR A 296 10.35 -3.45 -17.12
C THR A 296 9.60 -4.24 -18.20
N GLN A 297 9.24 -3.61 -19.33
CA GLN A 297 8.63 -4.28 -20.50
C GLN A 297 7.34 -5.00 -20.11
N GLY A 298 6.65 -4.52 -19.07
CA GLY A 298 5.36 -5.08 -18.65
C GLY A 298 5.50 -6.47 -18.04
N ARG A 299 6.71 -6.89 -17.70
CA ARG A 299 7.02 -8.26 -17.26
C ARG A 299 7.09 -8.33 -15.72
N VAL A 300 7.03 -7.18 -15.03
CA VAL A 300 7.17 -7.10 -13.55
C VAL A 300 5.86 -6.57 -12.99
N PRO A 301 5.08 -7.40 -12.28
CA PRO A 301 3.84 -6.93 -11.68
C PRO A 301 4.02 -5.68 -10.82
N ILE A 302 3.09 -4.75 -11.00
CA ILE A 302 3.06 -3.48 -10.24
C ILE A 302 1.77 -3.44 -9.42
N ILE A 303 1.92 -3.09 -8.14
CA ILE A 303 0.79 -2.68 -7.28
C ILE A 303 0.80 -1.16 -7.28
N GLY A 304 -0.27 -0.57 -7.80
CA GLY A 304 -0.37 0.88 -7.99
C GLY A 304 -1.05 1.52 -6.79
N VAL A 305 -0.46 2.57 -6.25
CA VAL A 305 -0.99 3.21 -5.03
C VAL A 305 -0.62 4.69 -5.03
N GLY A 306 -1.57 5.50 -4.59
CA GLY A 306 -1.40 6.96 -4.46
C GLY A 306 -2.62 7.65 -4.99
N GLY A 307 -3.45 8.17 -4.09
CA GLY A 307 -4.60 9.00 -4.46
C GLY A 307 -5.73 8.24 -5.16
N VAL A 308 -5.90 6.94 -4.91
CA VAL A 308 -7.08 6.22 -5.46
C VAL A 308 -8.30 6.47 -4.57
N SER A 309 -9.36 7.05 -5.11
CA SER A 309 -10.63 7.20 -4.33
CA SER A 309 -10.62 7.32 -4.37
CA SER A 309 -10.63 7.38 -4.39
C SER A 309 -11.84 6.90 -5.20
N SER A 310 -11.65 6.43 -6.42
CA SER A 310 -12.77 6.12 -7.34
C SER A 310 -12.36 5.00 -8.27
N GLY A 311 -13.35 4.43 -8.95
CA GLY A 311 -13.11 3.46 -10.01
C GLY A 311 -12.25 4.03 -11.12
N GLN A 312 -12.49 5.29 -11.48
CA GLN A 312 -11.66 5.92 -12.53
C GLN A 312 -10.20 5.94 -12.06
N ASP A 313 -9.96 6.33 -10.81
CA ASP A 313 -8.56 6.43 -10.31
C ASP A 313 -7.93 5.03 -10.41
N ALA A 314 -8.66 4.00 -10.00
CA ALA A 314 -8.16 2.61 -10.03
C ALA A 314 -7.85 2.22 -11.49
N LEU A 315 -8.79 2.47 -12.40
CA LEU A 315 -8.62 2.02 -13.80
C LEU A 315 -7.48 2.78 -14.47
N GLU A 316 -7.28 4.06 -14.12
CA GLU A 316 -6.15 4.79 -14.72
C GLU A 316 -4.83 4.11 -14.32
N LYS A 317 -4.71 3.67 -13.07
CA LYS A 317 -3.46 2.99 -12.66
C LYS A 317 -3.34 1.61 -13.33
N ILE A 318 -4.44 0.89 -13.46
CA ILE A 318 -4.42 -0.45 -14.13
C ILE A 318 -4.01 -0.25 -15.58
N ARG A 319 -4.61 0.70 -16.29
CA ARG A 319 -4.29 0.93 -17.72
CA ARG A 319 -4.30 0.94 -17.73
C ARG A 319 -2.85 1.42 -17.86
N ALA A 320 -2.30 2.10 -16.85
CA ALA A 320 -0.90 2.55 -16.88
C ALA A 320 0.07 1.39 -16.60
N GLY A 321 -0.42 0.26 -16.09
CA GLY A 321 0.45 -0.91 -15.87
C GLY A 321 0.29 -1.60 -14.54
N ALA A 322 -0.58 -1.14 -13.65
CA ALA A 322 -0.81 -1.82 -12.35
C ALA A 322 -1.65 -3.09 -12.54
N SER A 323 -1.24 -4.20 -11.92
CA SER A 323 -2.06 -5.42 -11.85
C SER A 323 -3.05 -5.36 -10.69
N LEU A 324 -2.70 -4.59 -9.65
CA LEU A 324 -3.49 -4.42 -8.42
C LEU A 324 -3.33 -2.96 -8.02
N VAL A 325 -4.26 -2.47 -7.21
CA VAL A 325 -4.13 -1.11 -6.63
C VAL A 325 -4.32 -1.20 -5.12
N GLN A 326 -3.87 -0.16 -4.42
CA GLN A 326 -4.15 -0.01 -2.99
C GLN A 326 -4.68 1.41 -2.75
N LEU A 327 -5.36 1.58 -1.63
CA LEU A 327 -5.72 2.93 -1.16
C LEU A 327 -5.55 2.96 0.35
N TYR A 328 -5.38 4.16 0.85
CA TYR A 328 -5.36 4.44 2.30
C TYR A 328 -6.07 5.77 2.54
N THR A 329 -5.52 6.87 2.03
CA THR A 329 -6.01 8.22 2.39
C THR A 329 -7.50 8.35 2.08
N ALA A 330 -8.02 7.79 0.99
CA ALA A 330 -9.46 7.88 0.67
C ALA A 330 -10.30 7.29 1.82
N LEU A 331 -9.83 6.20 2.45
CA LEU A 331 -10.55 5.53 3.56
C LEU A 331 -10.68 6.52 4.71
N THR A 332 -9.68 7.37 4.93
CA THR A 332 -9.63 8.30 6.07
C THR A 332 -10.66 9.41 5.85
N PHE A 333 -10.97 9.80 4.60
CA PHE A 333 -11.95 10.87 4.30
C PHE A 333 -13.36 10.31 4.10
N TRP A 334 -13.51 9.21 3.35
CA TRP A 334 -14.85 8.74 2.92
CA TRP A 334 -14.79 8.65 2.83
C TRP A 334 -15.31 7.57 3.78
N GLY A 335 -14.43 6.96 4.56
CA GLY A 335 -14.75 5.83 5.42
C GLY A 335 -14.93 4.53 4.62
N PRO A 336 -15.29 3.44 5.32
CA PRO A 336 -15.40 2.11 4.72
C PRO A 336 -16.20 2.00 3.43
N PRO A 337 -17.30 2.77 3.20
CA PRO A 337 -18.06 2.62 1.96
C PRO A 337 -17.24 2.90 0.69
N VAL A 338 -16.09 3.57 0.81
CA VAL A 338 -15.28 3.90 -0.39
C VAL A 338 -14.79 2.61 -1.06
N VAL A 339 -14.63 1.52 -0.32
CA VAL A 339 -14.07 0.27 -0.90
C VAL A 339 -15.07 -0.29 -1.92
N GLY A 340 -16.33 -0.48 -1.54
CA GLY A 340 -17.37 -0.97 -2.46
C GLY A 340 -17.60 0.01 -3.59
N LYS A 341 -17.49 1.30 -3.30
CA LYS A 341 -17.65 2.36 -4.34
C LYS A 341 -16.60 2.15 -5.42
N VAL A 342 -15.33 2.04 -5.04
CA VAL A 342 -14.23 1.88 -6.03
C VAL A 342 -14.49 0.62 -6.85
N LYS A 343 -14.84 -0.49 -6.19
CA LYS A 343 -15.02 -1.78 -6.91
C LYS A 343 -16.19 -1.68 -7.88
N ARG A 344 -17.33 -1.12 -7.45
CA ARG A 344 -18.54 -0.97 -8.31
CA ARG A 344 -18.53 -0.99 -8.31
C ARG A 344 -18.21 -0.09 -9.51
N GLU A 345 -17.57 1.05 -9.28
CA GLU A 345 -17.23 2.00 -10.37
C GLU A 345 -16.24 1.34 -11.33
N LEU A 346 -15.26 0.61 -10.80
CA LEU A 346 -14.23 -0.04 -11.66
C LEU A 346 -14.90 -1.08 -12.56
N GLU A 347 -15.79 -1.90 -12.00
CA GLU A 347 -16.54 -2.90 -12.81
C GLU A 347 -17.29 -2.17 -13.93
N ALA A 348 -18.01 -1.11 -13.61
CA ALA A 348 -18.82 -0.35 -14.58
C ALA A 348 -17.93 0.19 -15.69
N LEU A 349 -16.77 0.75 -15.35
CA LEU A 349 -15.86 1.36 -16.35
C LEU A 349 -15.24 0.29 -17.23
N LEU A 350 -14.88 -0.86 -16.66
CA LEU A 350 -14.29 -1.95 -17.47
C LEU A 350 -15.31 -2.33 -18.57
N LYS A 351 -16.58 -2.48 -18.19
CA LYS A 351 -17.67 -2.84 -19.14
C LYS A 351 -17.78 -1.75 -20.21
N GLU A 352 -17.80 -0.48 -19.80
CA GLU A 352 -17.96 0.68 -20.72
C GLU A 352 -16.81 0.73 -21.74
N GLN A 353 -15.59 0.35 -21.33
CA GLN A 353 -14.37 0.52 -22.17
C GLN A 353 -14.06 -0.79 -22.92
N GLY A 354 -14.93 -1.79 -22.78
CA GLY A 354 -14.90 -3.03 -23.59
C GLY A 354 -13.89 -4.04 -23.08
N PHE A 355 -13.51 -3.98 -21.80
CA PHE A 355 -12.60 -4.97 -21.16
C PHE A 355 -13.41 -6.13 -20.62
N GLY A 356 -12.95 -7.36 -20.87
CA GLY A 356 -13.56 -8.58 -20.31
C GLY A 356 -13.41 -8.65 -18.80
N GLY A 357 -12.34 -8.05 -18.28
CA GLY A 357 -12.06 -7.99 -16.85
C GLY A 357 -10.83 -7.16 -16.58
N VAL A 358 -10.44 -7.06 -15.31
CA VAL A 358 -9.24 -6.28 -14.91
C VAL A 358 -8.05 -6.75 -15.74
N THR A 359 -7.86 -8.07 -15.88
CA THR A 359 -6.64 -8.61 -16.50
C THR A 359 -6.42 -8.00 -17.89
N ASP A 360 -7.50 -7.84 -18.67
CA ASP A 360 -7.46 -7.33 -20.06
C ASP A 360 -7.03 -5.86 -20.07
N ALA A 361 -7.27 -5.14 -18.99
CA ALA A 361 -6.99 -3.68 -18.91
C ALA A 361 -5.56 -3.41 -18.44
N ILE A 362 -4.87 -4.37 -17.83
CA ILE A 362 -3.51 -4.11 -17.27
C ILE A 362 -2.59 -3.65 -18.40
N GLY A 363 -2.06 -2.45 -18.30
CA GLY A 363 -1.10 -1.90 -19.28
C GLY A 363 -1.75 -1.50 -20.59
N ALA A 364 -3.09 -1.45 -20.68
CA ALA A 364 -3.78 -1.19 -21.98
C ALA A 364 -3.32 0.13 -22.60
N ASP A 365 -2.94 1.13 -21.82
CA ASP A 365 -2.53 2.44 -22.42
C ASP A 365 -1.26 2.28 -23.26
N HIS A 366 -0.41 1.30 -22.96
CA HIS A 366 0.88 1.11 -23.65
C HIS A 366 0.67 0.46 -25.02
N ARG A 367 -0.52 -0.09 -25.28
CA ARG A 367 -0.86 -0.86 -26.51
C ARG A 367 -1.75 -0.01 -27.44
N ARG A 368 -2.02 1.24 -27.07
CA ARG A 368 -2.86 2.20 -27.86
C ARG A 368 -2.08 2.68 -29.09
#